data_4IO8
#
_entry.id   4IO8
#
_cell.length_a   58.680
_cell.length_b   53.973
_cell.length_c   70.796
_cell.angle_alpha   90.00
_cell.angle_beta   101.07
_cell.angle_gamma   90.00
#
_symmetry.space_group_name_H-M   'P 1 21 1'
#
loop_
_entity.id
_entity.type
_entity.pdbx_description
1 polymer 'Heat shock 70kDa protein 1A variant'
2 non-polymer 4-[[(2R,3S,4R,5R)-5-[6-amino-8-[(3,4-dichlorophenyl)methylamino]purin-9-yl]-3,4-dihydroxy-oxolan-2-yl]methoxymethyl]benzonitrile
3 water water
#
_entity_poly.entity_id   1
_entity_poly.type   'polypeptide(L)'
_entity_poly.pdbx_seq_one_letter_code
;MAKAAAIGIDLGTTYSCVGVFQHGKVEIIANDQGNRTTPSYVAFTDTERLIGDAAKNQVALNPQNTVFDAKRLIGRKFGD
PVVQSDMKHWPFQVINDGDKPKVQVSYKGDTKAFYPEEISSMVLTKMKEIAEAYLGYPVTNAVITVPAYFNDSQRQATKD
AGVIAGLNVLRIINEPTAAAIAYGLDRTGKGERNVLIFDLGGGTFDVSILTIDDGIFEVKATAGDTHLGGEDFDNRLVNH
FVEEFKRKHKKDISQNKRAVRRLRTACERAKRTLSSSTQASLEIDSLFEGIDFYTSITRARFEELCSDLFRSTLEPVEKA
LRDAKLDKAQIHDLVLVGGSTRIPKVQKLLQDFFNGRDLNKSINPDEAVAYGAAVQAAILMG
;
_entity_poly.pdbx_strand_id   A
#
# COMPACT_ATOMS: atom_id res chain seq x y z
N LYS A 3 -21.67 -3.83 -24.01
CA LYS A 3 -21.39 -2.56 -23.35
C LYS A 3 -20.10 -2.65 -22.54
N ALA A 4 -19.40 -1.53 -22.43
CA ALA A 4 -18.11 -1.49 -21.77
C ALA A 4 -18.15 -1.99 -20.33
N ALA A 5 -17.06 -2.64 -19.93
CA ALA A 5 -16.89 -3.18 -18.59
C ALA A 5 -16.47 -2.05 -17.64
N ALA A 6 -16.83 -2.20 -16.36
CA ALA A 6 -16.46 -1.28 -15.28
C ALA A 6 -15.25 -1.91 -14.58
N ILE A 7 -14.29 -1.09 -14.18
CA ILE A 7 -13.04 -1.53 -13.57
C ILE A 7 -13.03 -1.36 -12.05
N GLY A 8 -12.18 -2.11 -11.38
CA GLY A 8 -12.01 -2.03 -9.94
C GLY A 8 -10.62 -1.52 -9.65
N ILE A 9 -10.52 -0.34 -9.03
CA ILE A 9 -9.26 0.32 -8.74
C ILE A 9 -8.91 0.32 -7.25
N ASP A 10 -7.70 -0.15 -6.93
CA ASP A 10 -7.14 -0.13 -5.59
C ASP A 10 -6.13 1.01 -5.59
N LEU A 11 -6.56 2.21 -5.08
CA LEU A 11 -5.74 3.42 -5.01
C LEU A 11 -4.98 3.45 -3.67
N GLY A 12 -3.79 2.87 -3.67
CA GLY A 12 -2.96 2.75 -2.47
C GLY A 12 -2.04 3.91 -2.19
N THR A 13 -1.62 4.01 -0.90
CA THR A 13 -0.67 5.02 -0.41
C THR A 13 0.63 4.94 -1.19
N THR A 14 1.22 3.71 -1.31
CA THR A 14 2.48 3.52 -2.06
C THR A 14 2.31 2.84 -3.43
N TYR A 15 1.34 1.92 -3.53
CA TYR A 15 1.10 1.13 -4.72
C TYR A 15 -0.36 1.03 -5.12
N SER A 16 -0.62 1.06 -6.44
CA SER A 16 -1.94 0.94 -7.06
C SER A 16 -2.08 -0.31 -7.98
N CYS A 17 -3.32 -0.77 -8.14
CA CYS A 17 -3.69 -2.00 -8.85
C CYS A 17 -5.08 -1.82 -9.49
N VAL A 18 -5.25 -2.35 -10.71
CA VAL A 18 -6.53 -2.26 -11.44
C VAL A 18 -6.90 -3.64 -12.00
N GLY A 19 -8.15 -4.01 -11.78
CA GLY A 19 -8.71 -5.27 -12.27
C GLY A 19 -10.04 -5.11 -12.99
N VAL A 20 -10.42 -6.16 -13.73
CA VAL A 20 -11.67 -6.23 -14.50
C VAL A 20 -12.33 -7.64 -14.39
N PHE A 21 -13.65 -7.65 -14.22
CA PHE A 21 -14.42 -8.88 -14.17
C PHE A 21 -15.04 -9.09 -15.57
N GLN A 22 -14.63 -10.18 -16.23
CA GLN A 22 -15.09 -10.58 -17.57
C GLN A 22 -15.18 -12.10 -17.64
N HIS A 23 -16.22 -12.64 -18.33
CA HIS A 23 -16.42 -14.08 -18.56
C HIS A 23 -16.31 -14.92 -17.28
N GLY A 24 -16.94 -14.45 -16.21
CA GLY A 24 -16.93 -15.16 -14.94
C GLY A 24 -15.54 -15.26 -14.35
N LYS A 25 -14.67 -14.35 -14.74
CA LYS A 25 -13.29 -14.38 -14.27
C LYS A 25 -12.77 -12.97 -13.99
N VAL A 26 -11.81 -12.87 -13.07
CA VAL A 26 -11.21 -11.60 -12.72
C VAL A 26 -9.80 -11.52 -13.28
N GLU A 27 -9.50 -10.39 -13.92
CA GLU A 27 -8.21 -10.19 -14.56
C GLU A 27 -7.61 -8.96 -13.90
N ILE A 28 -6.44 -9.14 -13.27
CA ILE A 28 -5.66 -8.08 -12.68
C ILE A 28 -4.71 -7.69 -13.84
N ILE A 29 -4.92 -6.47 -14.37
CA ILE A 29 -4.30 -5.96 -15.60
C ILE A 29 -2.86 -5.52 -15.40
N ALA A 30 -1.96 -6.05 -16.23
CA ALA A 30 -0.54 -5.69 -16.22
C ALA A 30 -0.33 -4.38 -17.04
N ASN A 31 0.69 -3.59 -16.67
CA ASN A 31 1.02 -2.33 -17.34
C ASN A 31 2.00 -2.59 -18.52
N ASP A 32 2.40 -1.53 -19.26
CA ASP A 32 3.28 -1.62 -20.44
C ASP A 32 4.67 -2.25 -20.13
N GLN A 33 4.98 -2.44 -18.83
CA GLN A 33 6.22 -3.05 -18.35
C GLN A 33 5.98 -4.49 -17.84
N GLY A 34 4.73 -4.95 -17.91
CA GLY A 34 4.34 -6.29 -17.49
C GLY A 34 4.05 -6.47 -16.02
N ASN A 35 4.04 -5.36 -15.23
CA ASN A 35 3.76 -5.38 -13.78
C ASN A 35 2.28 -5.13 -13.51
N ARG A 36 1.70 -5.93 -12.59
CA ARG A 36 0.30 -5.89 -12.17
C ARG A 36 0.04 -4.89 -11.04
N THR A 37 1.13 -4.27 -10.51
CA THR A 37 1.17 -3.22 -9.47
C THR A 37 2.00 -2.02 -9.97
N THR A 38 1.44 -0.78 -9.82
CA THR A 38 2.05 0.47 -10.25
C THR A 38 2.28 1.40 -9.04
N PRO A 39 3.49 2.01 -8.87
CA PRO A 39 3.70 2.88 -7.70
C PRO A 39 2.86 4.13 -7.82
N SER A 40 2.38 4.61 -6.67
CA SER A 40 1.51 5.79 -6.61
C SER A 40 2.38 7.02 -6.58
N TYR A 41 3.17 7.22 -7.67
CA TYR A 41 4.15 8.32 -7.83
C TYR A 41 3.89 9.11 -9.10
N VAL A 42 4.15 10.42 -9.03
CA VAL A 42 4.00 11.40 -10.11
C VAL A 42 5.24 12.31 -10.07
N ALA A 43 5.99 12.41 -11.18
CA ALA A 43 7.19 13.25 -11.26
C ALA A 43 7.04 14.33 -12.31
N PHE A 44 7.56 15.52 -12.01
CA PHE A 44 7.51 16.67 -12.92
C PHE A 44 8.95 17.04 -13.27
N THR A 45 9.28 16.94 -14.57
CA THR A 45 10.64 17.21 -15.01
C THR A 45 10.67 18.54 -15.79
N ASP A 46 11.79 18.78 -16.44
CA ASP A 46 11.97 19.92 -17.32
C ASP A 46 11.07 19.80 -18.54
N THR A 47 10.95 18.59 -19.07
CA THR A 47 10.20 18.37 -20.30
C THR A 47 8.88 17.60 -20.18
N GLU A 48 8.65 16.92 -19.06
CA GLU A 48 7.47 16.07 -18.95
C GLU A 48 7.01 15.66 -17.55
N ARG A 49 5.83 15.06 -17.50
CA ARG A 49 5.24 14.51 -16.29
C ARG A 49 5.30 12.98 -16.42
N LEU A 50 5.74 12.29 -15.37
CA LEU A 50 5.89 10.82 -15.37
C LEU A 50 5.00 10.23 -14.31
N ILE A 51 4.38 9.07 -14.58
CA ILE A 51 3.46 8.41 -13.64
C ILE A 51 3.81 6.94 -13.47
N GLY A 52 3.87 6.48 -12.21
CA GLY A 52 4.18 5.10 -11.89
C GLY A 52 5.65 4.80 -11.71
N ASP A 53 6.12 3.67 -12.29
CA ASP A 53 7.52 3.22 -12.24
C ASP A 53 8.47 4.22 -12.87
N ALA A 54 8.07 4.84 -14.00
CA ALA A 54 8.87 5.85 -14.71
C ALA A 54 9.21 7.02 -13.76
N ALA A 55 8.23 7.44 -12.93
CA ALA A 55 8.39 8.47 -11.88
C ALA A 55 9.21 7.92 -10.70
N LYS A 56 8.91 6.68 -10.24
CA LYS A 56 9.65 6.08 -9.13
C LYS A 56 11.16 5.86 -9.43
N ASN A 57 11.48 5.38 -10.64
CA ASN A 57 12.86 5.10 -11.05
C ASN A 57 13.79 6.32 -11.13
N GLN A 58 13.24 7.55 -11.33
CA GLN A 58 14.07 8.78 -11.40
C GLN A 58 14.05 9.59 -10.09
N VAL A 59 13.47 9.01 -9.00
CA VAL A 59 13.29 9.70 -7.72
C VAL A 59 14.60 10.35 -7.17
N ALA A 60 15.71 9.59 -7.02
CA ALA A 60 16.97 10.11 -6.47
C ALA A 60 17.63 11.29 -7.23
N LEU A 61 17.29 11.44 -8.53
CA LEU A 61 17.81 12.50 -9.41
C LEU A 61 16.88 13.74 -9.45
N ASN A 62 15.72 13.69 -8.75
CA ASN A 62 14.70 14.74 -8.74
C ASN A 62 13.85 14.58 -7.45
N PRO A 63 14.44 14.60 -6.23
CA PRO A 63 13.62 14.36 -5.02
C PRO A 63 12.50 15.38 -4.76
N GLN A 64 12.78 16.64 -5.02
CA GLN A 64 11.89 17.77 -4.78
C GLN A 64 10.67 17.81 -5.70
N ASN A 65 10.77 17.29 -6.94
CA ASN A 65 9.67 17.32 -7.93
C ASN A 65 9.04 15.94 -8.21
N THR A 66 9.26 14.97 -7.30
CA THR A 66 8.68 13.63 -7.37
C THR A 66 7.67 13.55 -6.21
N VAL A 67 6.37 13.62 -6.53
CA VAL A 67 5.32 13.59 -5.52
C VAL A 67 4.85 12.15 -5.25
N PHE A 68 4.61 11.82 -3.98
CA PHE A 68 4.10 10.53 -3.52
C PHE A 68 3.43 10.81 -2.19
N ASP A 69 2.73 9.80 -1.62
CA ASP A 69 1.97 9.89 -0.36
C ASP A 69 0.81 10.89 -0.43
N ALA A 70 0.21 11.15 -1.64
CA ALA A 70 -0.95 12.06 -1.79
C ALA A 70 -2.14 11.62 -0.94
N LYS A 71 -2.32 10.28 -0.77
CA LYS A 71 -3.39 9.65 0.05
C LYS A 71 -3.35 10.10 1.53
N ARG A 72 -2.17 10.51 2.01
CA ARG A 72 -1.94 11.00 3.37
C ARG A 72 -2.48 12.42 3.53
N LEU A 73 -2.61 13.18 2.41
CA LEU A 73 -3.08 14.57 2.40
C LEU A 73 -4.50 14.71 1.88
N ILE A 74 -4.96 13.79 1.01
CA ILE A 74 -6.27 13.85 0.34
C ILE A 74 -7.44 14.13 1.34
N GLY A 75 -8.24 15.15 1.04
CA GLY A 75 -9.41 15.56 1.82
C GLY A 75 -9.15 16.06 3.22
N ARG A 76 -7.89 16.37 3.55
CA ARG A 76 -7.51 16.88 4.85
C ARG A 76 -7.27 18.39 4.79
N LYS A 77 -7.23 19.06 5.97
CA LYS A 77 -6.96 20.49 6.06
C LYS A 77 -5.46 20.72 6.35
N PHE A 78 -4.88 21.83 5.85
CA PHE A 78 -3.46 22.14 6.08
C PHE A 78 -3.08 22.05 7.57
N GLY A 79 -3.85 22.72 8.41
CA GLY A 79 -3.62 22.84 9.84
C GLY A 79 -3.73 21.54 10.59
N ASP A 80 -4.26 20.51 9.93
CA ASP A 80 -4.41 19.20 10.52
C ASP A 80 -3.05 18.74 11.02
N PRO A 81 -3.02 18.17 12.23
CA PRO A 81 -1.76 17.74 12.87
C PRO A 81 -1.06 16.67 12.06
N VAL A 82 -1.85 15.78 11.48
CA VAL A 82 -1.41 14.70 10.59
C VAL A 82 -0.56 15.32 9.47
N VAL A 83 -1.15 16.28 8.74
CA VAL A 83 -0.53 17.00 7.64
C VAL A 83 0.78 17.66 8.11
N GLN A 84 0.71 18.36 9.27
CA GLN A 84 1.83 19.08 9.87
C GLN A 84 3.02 18.18 10.23
N SER A 85 2.79 17.02 10.88
CA SER A 85 3.92 16.14 11.22
C SER A 85 4.49 15.39 10.02
N ASP A 86 3.63 14.96 9.04
CA ASP A 86 4.06 14.24 7.83
C ASP A 86 4.95 15.09 6.91
N MET A 87 4.66 16.41 6.82
CA MET A 87 5.37 17.41 6.02
C MET A 87 6.87 17.43 6.28
N LYS A 88 7.27 17.21 7.56
CA LYS A 88 8.66 17.21 8.03
C LYS A 88 9.53 16.10 7.41
N HIS A 89 8.91 15.09 6.77
CA HIS A 89 9.57 13.91 6.21
C HIS A 89 9.50 13.83 4.67
N TRP A 90 8.95 14.88 4.02
CA TRP A 90 8.84 14.89 2.56
C TRP A 90 9.85 15.81 1.88
N PRO A 91 10.50 15.35 0.79
CA PRO A 91 11.44 16.24 0.06
C PRO A 91 10.73 17.32 -0.76
N PHE A 92 9.44 17.13 -1.10
CA PHE A 92 8.62 18.10 -1.84
C PHE A 92 7.95 19.13 -0.90
N GLN A 93 7.73 20.33 -1.41
CA GLN A 93 7.12 21.43 -0.65
C GLN A 93 5.60 21.30 -0.62
N VAL A 94 5.01 21.50 0.58
CA VAL A 94 3.56 21.52 0.77
C VAL A 94 3.20 22.93 1.24
N ILE A 95 2.47 23.69 0.41
CA ILE A 95 2.04 25.06 0.72
C ILE A 95 0.55 25.10 1.14
N ASN A 96 0.13 26.22 1.72
CA ASN A 96 -1.21 26.37 2.25
C ASN A 96 -2.05 27.27 1.35
N ASP A 97 -3.19 26.77 0.90
CA ASP A 97 -4.13 27.59 0.18
C ASP A 97 -5.51 27.51 0.82
N GLY A 98 -5.92 28.56 1.51
CA GLY A 98 -7.21 28.61 2.17
C GLY A 98 -7.40 27.49 3.19
N ASP A 99 -6.31 27.09 3.83
CA ASP A 99 -6.32 25.97 4.76
C ASP A 99 -6.42 24.63 4.03
N LYS A 100 -6.16 24.66 2.73
CA LYS A 100 -6.15 23.46 1.91
C LYS A 100 -4.74 23.19 1.44
N PRO A 101 -4.25 21.98 1.65
CA PRO A 101 -2.89 21.63 1.22
C PRO A 101 -2.72 21.56 -0.29
N LYS A 102 -1.56 22.01 -0.75
CA LYS A 102 -1.20 21.95 -2.15
C LYS A 102 0.28 21.57 -2.22
N VAL A 103 0.60 20.63 -3.11
CA VAL A 103 1.99 20.22 -3.31
C VAL A 103 2.60 21.12 -4.40
N GLN A 104 3.72 21.80 -4.08
CA GLN A 104 4.40 22.72 -4.98
C GLN A 104 5.70 22.14 -5.58
N VAL A 105 5.78 22.17 -6.92
CA VAL A 105 6.88 21.56 -7.67
C VAL A 105 7.33 22.42 -8.84
N SER A 106 8.49 22.10 -9.42
CA SER A 106 8.95 22.78 -10.61
C SER A 106 8.69 21.94 -11.85
N TYR A 107 7.89 22.47 -12.76
CA TYR A 107 7.50 21.75 -13.97
C TYR A 107 7.77 22.62 -15.20
N LYS A 108 8.53 22.11 -16.15
CA LYS A 108 8.81 22.83 -17.41
C LYS A 108 9.18 24.32 -17.16
N GLY A 109 10.17 24.56 -16.29
CA GLY A 109 10.63 25.90 -15.91
C GLY A 109 9.76 26.70 -14.96
N ASP A 110 8.49 26.31 -14.79
CA ASP A 110 7.51 27.02 -13.96
C ASP A 110 7.24 26.39 -12.59
N THR A 111 6.79 27.21 -11.62
CA THR A 111 6.40 26.78 -10.28
C THR A 111 4.91 26.50 -10.31
N LYS A 112 4.54 25.25 -10.03
CA LYS A 112 3.14 24.82 -10.07
C LYS A 112 2.74 24.16 -8.76
N ALA A 113 1.50 24.43 -8.30
CA ALA A 113 0.95 23.82 -7.11
C ALA A 113 -0.30 23.03 -7.49
N PHE A 114 -0.40 21.79 -6.97
CA PHE A 114 -1.53 20.89 -7.24
C PHE A 114 -2.15 20.38 -5.95
N TYR A 115 -3.47 20.15 -5.94
CA TYR A 115 -4.20 19.59 -4.80
C TYR A 115 -3.88 18.10 -4.70
N PRO A 116 -4.00 17.46 -3.50
CA PRO A 116 -3.75 16.01 -3.43
C PRO A 116 -4.66 15.23 -4.39
N GLU A 117 -5.97 15.63 -4.55
CA GLU A 117 -6.89 14.98 -5.51
C GLU A 117 -6.46 15.14 -6.96
N GLU A 118 -5.76 16.24 -7.31
CA GLU A 118 -5.22 16.43 -8.65
C GLU A 118 -4.07 15.42 -8.94
N ILE A 119 -3.22 15.16 -7.92
CA ILE A 119 -2.08 14.20 -7.98
C ILE A 119 -2.61 12.76 -8.11
N SER A 120 -3.60 12.38 -7.28
CA SER A 120 -4.22 11.04 -7.32
C SER A 120 -4.97 10.82 -8.65
N SER A 121 -5.50 11.91 -9.26
CA SER A 121 -6.19 11.85 -10.56
C SER A 121 -5.22 11.44 -11.65
N MET A 122 -3.93 11.82 -11.52
CA MET A 122 -2.85 11.44 -12.44
C MET A 122 -2.54 9.96 -12.29
N VAL A 123 -2.48 9.45 -11.05
CA VAL A 123 -2.25 8.03 -10.78
C VAL A 123 -3.46 7.20 -11.33
N LEU A 124 -4.71 7.75 -11.20
CA LEU A 124 -5.95 7.15 -11.70
C LEU A 124 -6.05 7.19 -13.22
N THR A 125 -5.47 8.23 -13.88
CA THR A 125 -5.41 8.35 -15.35
C THR A 125 -4.57 7.19 -15.89
N LYS A 126 -3.45 6.84 -15.19
CA LYS A 126 -2.57 5.74 -15.58
C LYS A 126 -3.28 4.39 -15.47
N MET A 127 -3.99 4.14 -14.35
CA MET A 127 -4.68 2.86 -14.10
C MET A 127 -5.78 2.62 -15.12
N LYS A 128 -6.46 3.70 -15.54
CA LYS A 128 -7.51 3.76 -16.54
C LYS A 128 -6.93 3.34 -17.89
N GLU A 129 -5.87 4.01 -18.32
CA GLU A 129 -5.19 3.77 -19.60
C GLU A 129 -4.63 2.35 -19.73
N ILE A 130 -4.15 1.77 -18.60
CA ILE A 130 -3.64 0.40 -18.47
C ILE A 130 -4.81 -0.56 -18.82
N ALA A 131 -6.02 -0.26 -18.26
CA ALA A 131 -7.25 -1.03 -18.47
C ALA A 131 -7.78 -0.94 -19.91
N GLU A 132 -7.61 0.21 -20.58
CA GLU A 132 -8.06 0.43 -21.95
C GLU A 132 -7.20 -0.29 -22.98
N ALA A 133 -5.87 -0.37 -22.76
CA ALA A 133 -4.96 -1.06 -23.68
C ALA A 133 -5.30 -2.57 -23.71
N TYR A 134 -5.67 -3.11 -22.52
CA TYR A 134 -6.07 -4.49 -22.35
C TYR A 134 -7.43 -4.75 -22.98
N LEU A 135 -8.46 -3.97 -22.57
CA LEU A 135 -9.84 -4.17 -23.03
C LEU A 135 -10.06 -3.76 -24.48
N GLY A 136 -9.18 -2.90 -25.02
CA GLY A 136 -9.20 -2.47 -26.40
C GLY A 136 -10.23 -1.40 -26.73
N TYR A 137 -10.81 -0.78 -25.70
CA TYR A 137 -11.82 0.28 -25.87
C TYR A 137 -11.73 1.32 -24.70
N PRO A 138 -12.33 2.55 -24.81
CA PRO A 138 -12.21 3.53 -23.71
C PRO A 138 -13.10 3.17 -22.52
N VAL A 139 -12.58 3.35 -21.30
CA VAL A 139 -13.23 3.00 -20.05
C VAL A 139 -13.82 4.21 -19.37
N THR A 140 -15.03 4.09 -18.87
CA THR A 140 -15.71 5.18 -18.20
C THR A 140 -16.03 4.87 -16.74
N ASN A 141 -16.65 3.72 -16.48
CA ASN A 141 -17.12 3.37 -15.14
C ASN A 141 -16.08 2.71 -14.29
N ALA A 142 -16.03 3.11 -13.00
CA ALA A 142 -15.08 2.56 -12.04
C ALA A 142 -15.59 2.56 -10.62
N VAL A 143 -15.10 1.60 -9.82
CA VAL A 143 -15.27 1.51 -8.36
C VAL A 143 -13.84 1.69 -7.82
N ILE A 144 -13.63 2.74 -6.99
CA ILE A 144 -12.35 3.08 -6.36
C ILE A 144 -12.53 2.80 -4.86
N THR A 145 -11.55 2.13 -4.25
CA THR A 145 -11.57 1.79 -2.84
C THR A 145 -10.89 2.83 -1.96
N VAL A 146 -11.31 2.88 -0.65
CA VAL A 146 -10.76 3.77 0.38
C VAL A 146 -10.59 2.99 1.70
N PRO A 147 -9.68 3.39 2.64
CA PRO A 147 -9.64 2.72 3.96
C PRO A 147 -10.92 3.00 4.74
N ALA A 148 -11.43 1.99 5.47
CA ALA A 148 -12.70 2.05 6.22
C ALA A 148 -12.82 3.22 7.22
N TYR A 149 -11.71 3.72 7.79
CA TYR A 149 -11.72 4.83 8.76
C TYR A 149 -11.85 6.24 8.11
N PHE A 150 -11.72 6.36 6.78
CA PHE A 150 -11.83 7.61 6.01
C PHE A 150 -13.18 8.28 6.29
N ASN A 151 -13.14 9.61 6.48
CA ASN A 151 -14.33 10.41 6.71
C ASN A 151 -14.92 10.84 5.36
N ASP A 152 -16.03 11.60 5.37
CA ASP A 152 -16.72 12.04 4.16
C ASP A 152 -15.92 12.99 3.26
N SER A 153 -15.03 13.85 3.83
CA SER A 153 -14.20 14.79 3.08
C SER A 153 -13.18 14.06 2.22
N GLN A 154 -12.56 13.00 2.80
CA GLN A 154 -11.57 12.12 2.18
C GLN A 154 -12.22 11.27 1.05
N ARG A 155 -13.45 10.76 1.27
CA ARG A 155 -14.24 10.01 0.28
C ARG A 155 -14.65 10.92 -0.91
N GLN A 156 -15.10 12.15 -0.62
CA GLN A 156 -15.47 13.13 -1.65
C GLN A 156 -14.24 13.46 -2.49
N ALA A 157 -13.11 13.77 -1.80
CA ALA A 157 -11.81 14.08 -2.42
C ALA A 157 -11.29 12.93 -3.30
N THR A 158 -11.49 11.66 -2.88
CA THR A 158 -11.11 10.46 -3.66
C THR A 158 -11.99 10.33 -4.91
N LYS A 159 -13.32 10.56 -4.78
CA LYS A 159 -14.28 10.56 -5.88
C LYS A 159 -13.92 11.65 -6.89
N ASP A 160 -13.53 12.83 -6.39
CA ASP A 160 -13.10 13.98 -7.21
C ASP A 160 -11.91 13.64 -8.10
N ALA A 161 -10.95 12.81 -7.58
CA ALA A 161 -9.78 12.36 -8.34
C ALA A 161 -10.23 11.51 -9.55
N GLY A 162 -11.23 10.65 -9.36
CA GLY A 162 -11.84 9.81 -10.39
C GLY A 162 -12.47 10.65 -11.48
N VAL A 163 -13.32 11.62 -11.07
CA VAL A 163 -13.98 12.57 -11.97
C VAL A 163 -12.90 13.37 -12.79
N ILE A 164 -11.89 13.96 -12.11
CA ILE A 164 -10.77 14.67 -12.78
C ILE A 164 -10.05 13.72 -13.82
N ALA A 165 -9.85 12.42 -13.46
CA ALA A 165 -9.23 11.40 -14.33
C ALA A 165 -10.14 10.95 -15.49
N GLY A 166 -11.39 11.44 -15.51
CA GLY A 166 -12.34 11.17 -16.57
C GLY A 166 -13.28 10.01 -16.37
N LEU A 167 -13.26 9.40 -15.16
CA LEU A 167 -14.14 8.27 -14.81
C LEU A 167 -15.45 8.72 -14.21
N ASN A 168 -16.48 7.87 -14.35
CA ASN A 168 -17.78 7.99 -13.68
C ASN A 168 -17.65 7.00 -12.51
N VAL A 169 -17.37 7.55 -11.31
CA VAL A 169 -17.18 6.78 -10.08
C VAL A 169 -18.52 6.23 -9.64
N LEU A 170 -18.78 4.97 -9.95
CA LEU A 170 -20.06 4.37 -9.64
C LEU A 170 -20.31 4.35 -8.15
N ARG A 171 -19.29 3.97 -7.39
CA ARG A 171 -19.34 4.03 -5.95
C ARG A 171 -17.95 4.05 -5.35
N ILE A 172 -17.86 4.52 -4.11
CA ILE A 172 -16.63 4.45 -3.35
C ILE A 172 -16.86 3.44 -2.23
N ILE A 173 -16.09 2.36 -2.23
CA ILE A 173 -16.28 1.32 -1.21
C ILE A 173 -15.02 1.20 -0.31
N ASN A 174 -15.14 0.49 0.82
CA ASN A 174 -14.03 0.29 1.73
C ASN A 174 -13.14 -0.85 1.27
N GLU A 175 -11.83 -0.72 1.49
CA GLU A 175 -10.87 -1.76 1.13
C GLU A 175 -11.16 -3.08 1.85
N PRO A 176 -11.39 -3.13 3.20
CA PRO A 176 -11.71 -4.42 3.84
C PRO A 176 -12.97 -5.08 3.27
N THR A 177 -13.94 -4.26 2.82
CA THR A 177 -15.17 -4.71 2.18
C THR A 177 -14.81 -5.44 0.86
N ALA A 178 -13.96 -4.82 0.02
CA ALA A 178 -13.49 -5.36 -1.25
C ALA A 178 -12.72 -6.66 -1.03
N ALA A 179 -11.94 -6.76 0.05
CA ALA A 179 -11.18 -7.96 0.38
C ALA A 179 -12.09 -9.13 0.73
N ALA A 180 -13.22 -8.90 1.44
CA ALA A 180 -14.21 -9.95 1.80
C ALA A 180 -15.01 -10.37 0.57
N ILE A 181 -15.30 -9.41 -0.34
CA ILE A 181 -16.00 -9.68 -1.60
C ILE A 181 -15.13 -10.60 -2.49
N ALA A 182 -13.82 -10.35 -2.55
CA ALA A 182 -12.88 -11.22 -3.32
C ALA A 182 -12.99 -12.72 -2.91
N TYR A 183 -13.16 -13.01 -1.60
CA TYR A 183 -13.24 -14.38 -1.06
C TYR A 183 -14.64 -14.94 -1.00
N GLY A 184 -15.63 -14.15 -1.42
CA GLY A 184 -17.03 -14.53 -1.48
C GLY A 184 -17.72 -14.72 -0.14
N LEU A 185 -17.26 -13.98 0.88
CA LEU A 185 -17.81 -14.05 2.24
C LEU A 185 -19.17 -13.36 2.35
N ASP A 186 -19.52 -12.55 1.33
CA ASP A 186 -20.79 -11.84 1.21
C ASP A 186 -21.89 -12.76 0.61
N ARG A 187 -21.50 -13.96 0.15
CA ARG A 187 -22.33 -14.95 -0.52
C ARG A 187 -22.69 -16.17 0.34
N THR A 188 -22.74 -16.02 1.69
CA THR A 188 -23.07 -17.13 2.61
C THR A 188 -24.57 -17.17 3.03
N GLY A 189 -25.33 -16.12 2.71
CA GLY A 189 -26.76 -16.03 3.00
C GLY A 189 -27.18 -15.36 4.29
N LYS A 190 -28.40 -15.69 4.75
CA LYS A 190 -29.02 -15.16 5.98
C LYS A 190 -28.28 -15.61 7.25
N GLY A 191 -28.03 -14.66 8.15
CA GLY A 191 -27.32 -14.91 9.39
C GLY A 191 -26.11 -14.02 9.58
N GLU A 192 -25.54 -13.99 10.79
CA GLU A 192 -24.40 -13.13 11.11
C GLU A 192 -23.03 -13.81 11.03
N ARG A 193 -22.15 -13.26 10.17
CA ARG A 193 -20.76 -13.67 9.97
C ARG A 193 -19.86 -12.49 10.34
N ASN A 194 -18.83 -12.73 11.15
CA ASN A 194 -17.88 -11.70 11.58
C ASN A 194 -16.54 -11.90 10.92
N VAL A 195 -16.10 -10.90 10.16
CA VAL A 195 -14.86 -11.00 9.41
C VAL A 195 -13.81 -10.00 9.91
N LEU A 196 -12.58 -10.51 10.10
CA LEU A 196 -11.41 -9.70 10.44
C LEU A 196 -10.46 -9.69 9.24
N ILE A 197 -10.18 -8.49 8.72
CA ILE A 197 -9.25 -8.26 7.62
C ILE A 197 -8.00 -7.66 8.22
N PHE A 198 -6.85 -8.33 7.98
CA PHE A 198 -5.53 -7.93 8.44
C PHE A 198 -4.74 -7.45 7.21
N ASP A 199 -4.54 -6.13 7.13
CA ASP A 199 -3.87 -5.42 6.02
C ASP A 199 -2.50 -4.87 6.41
N LEU A 200 -1.42 -5.48 5.88
CA LEU A 200 -0.06 -5.03 6.13
C LEU A 200 0.70 -4.80 4.80
N GLY A 201 0.77 -3.53 4.40
CA GLY A 201 1.38 -3.10 3.15
C GLY A 201 2.78 -2.54 3.27
N GLY A 202 3.18 -1.76 2.25
CA GLY A 202 4.48 -1.12 2.13
C GLY A 202 4.77 -0.08 3.18
N GLY A 203 3.76 0.70 3.55
CA GLY A 203 3.89 1.78 4.53
C GLY A 203 2.74 2.00 5.48
N THR A 204 1.67 1.17 5.38
CA THR A 204 0.47 1.26 6.25
C THR A 204 0.05 -0.10 6.81
N PHE A 205 -0.64 -0.08 7.99
CA PHE A 205 -1.18 -1.27 8.67
C PHE A 205 -2.58 -0.99 9.20
N ASP A 206 -3.58 -1.70 8.67
CA ASP A 206 -4.98 -1.57 9.09
C ASP A 206 -5.62 -2.92 9.47
N VAL A 207 -6.39 -2.94 10.57
CA VAL A 207 -7.17 -4.10 11.04
C VAL A 207 -8.66 -3.65 11.07
N SER A 208 -9.56 -4.36 10.36
CA SER A 208 -11.00 -4.06 10.33
C SER A 208 -11.84 -5.26 10.70
N ILE A 209 -12.97 -5.00 11.37
CA ILE A 209 -13.93 -6.04 11.75
C ILE A 209 -15.25 -5.66 11.10
N LEU A 210 -15.77 -6.52 10.21
CA LEU A 210 -17.05 -6.29 9.54
C LEU A 210 -18.02 -7.39 9.92
N THR A 211 -19.32 -7.11 9.79
CA THR A 211 -20.38 -8.10 9.96
C THR A 211 -21.16 -8.19 8.63
N ILE A 212 -21.39 -9.41 8.12
CA ILE A 212 -22.14 -9.65 6.88
C ILE A 212 -23.41 -10.44 7.20
N ASP A 213 -24.58 -9.83 6.92
CA ASP A 213 -25.90 -10.44 7.09
C ASP A 213 -26.66 -10.25 5.78
N ASP A 214 -26.85 -11.34 5.03
CA ASP A 214 -27.54 -11.37 3.74
C ASP A 214 -26.88 -10.42 2.71
N GLY A 215 -25.56 -10.44 2.65
CA GLY A 215 -24.75 -9.63 1.74
C GLY A 215 -24.60 -8.18 2.14
N ILE A 216 -25.19 -7.79 3.29
CA ILE A 216 -25.15 -6.41 3.79
C ILE A 216 -24.04 -6.29 4.83
N PHE A 217 -23.07 -5.42 4.53
CA PHE A 217 -21.86 -5.15 5.32
C PHE A 217 -22.07 -4.09 6.37
N GLU A 218 -21.45 -4.28 7.54
CA GLU A 218 -21.47 -3.31 8.64
C GLU A 218 -20.07 -3.19 9.23
N VAL A 219 -19.49 -1.99 9.24
CA VAL A 219 -18.16 -1.77 9.82
C VAL A 219 -18.34 -1.62 11.34
N LYS A 220 -17.74 -2.55 12.10
CA LYS A 220 -17.85 -2.59 13.55
C LYS A 220 -16.65 -1.99 14.30
N ALA A 221 -15.43 -2.16 13.77
CA ALA A 221 -14.21 -1.63 14.37
C ALA A 221 -13.11 -1.50 13.36
N THR A 222 -12.26 -0.47 13.54
CA THR A 222 -11.06 -0.20 12.75
C THR A 222 -9.92 0.22 13.70
N ALA A 223 -8.75 -0.37 13.55
CA ALA A 223 -7.57 -0.07 14.34
C ALA A 223 -6.32 -0.22 13.48
N GLY A 224 -5.17 0.22 14.01
CA GLY A 224 -3.92 0.08 13.28
C GLY A 224 -2.87 1.15 13.47
N ASP A 225 -2.01 1.29 12.45
CA ASP A 225 -0.90 2.23 12.44
C ASP A 225 -0.61 2.66 10.98
N THR A 226 -0.96 3.90 10.65
CA THR A 226 -0.75 4.50 9.33
C THR A 226 0.75 4.64 8.95
N HIS A 227 1.68 4.43 9.91
CA HIS A 227 3.12 4.56 9.69
C HIS A 227 3.90 3.25 9.98
N LEU A 228 3.20 2.08 9.97
CA LEU A 228 3.80 0.75 10.11
C LEU A 228 3.54 -0.04 8.85
N GLY A 229 4.61 -0.57 8.24
CA GLY A 229 4.54 -1.36 7.02
C GLY A 229 5.83 -2.08 6.70
N GLY A 230 5.96 -2.50 5.44
CA GLY A 230 7.13 -3.21 4.90
C GLY A 230 8.44 -2.44 4.93
N GLU A 231 8.37 -1.11 4.70
CA GLU A 231 9.50 -0.19 4.72
C GLU A 231 10.25 -0.17 6.04
N ASP A 232 9.56 -0.36 7.17
CA ASP A 232 10.17 -0.37 8.50
C ASP A 232 11.06 -1.61 8.71
N PHE A 233 10.71 -2.72 8.03
CA PHE A 233 11.42 -4.00 8.07
C PHE A 233 12.70 -3.91 7.29
N ASP A 234 12.69 -3.10 6.21
CA ASP A 234 13.85 -2.79 5.38
C ASP A 234 14.81 -1.93 6.22
N ASN A 235 14.28 -0.91 6.95
CA ASN A 235 15.02 0.00 7.85
C ASN A 235 15.83 -0.76 8.90
N ARG A 236 15.23 -1.78 9.56
CA ARG A 236 15.92 -2.62 10.56
C ARG A 236 17.07 -3.42 9.95
N LEU A 237 16.89 -3.92 8.71
CA LEU A 237 17.90 -4.66 7.95
C LEU A 237 19.04 -3.72 7.56
N VAL A 238 18.69 -2.55 6.99
CA VAL A 238 19.65 -1.51 6.58
C VAL A 238 20.53 -1.14 7.78
N ASN A 239 19.90 -0.75 8.92
CA ASN A 239 20.56 -0.36 10.17
C ASN A 239 21.42 -1.50 10.76
N HIS A 240 21.07 -2.77 10.47
CA HIS A 240 21.83 -3.95 10.89
C HIS A 240 23.11 -4.09 10.04
N PHE A 241 23.01 -3.86 8.71
CA PHE A 241 24.19 -4.01 7.83
C PHE A 241 25.16 -2.82 7.87
N VAL A 242 24.68 -1.62 8.26
CA VAL A 242 25.53 -0.43 8.46
C VAL A 242 26.52 -0.69 9.63
N GLU A 243 26.01 -1.26 10.75
CA GLU A 243 26.80 -1.62 11.93
C GLU A 243 27.78 -2.77 11.65
N GLU A 244 27.37 -3.70 10.78
CA GLU A 244 28.18 -4.85 10.36
C GLU A 244 29.35 -4.37 9.50
N PHE A 245 29.11 -3.38 8.62
CA PHE A 245 30.19 -2.81 7.78
C PHE A 245 31.19 -2.11 8.69
N LYS A 246 30.71 -1.45 9.77
CA LYS A 246 31.56 -0.77 10.77
C LYS A 246 32.42 -1.79 11.51
N ARG A 247 31.81 -2.85 12.04
CA ARG A 247 32.50 -3.94 12.77
C ARG A 247 33.63 -4.56 11.94
N LYS A 248 33.39 -4.73 10.63
CA LYS A 248 34.33 -5.37 9.69
C LYS A 248 35.38 -4.44 9.08
N HIS A 249 34.94 -3.28 8.50
CA HIS A 249 35.80 -2.35 7.75
C HIS A 249 36.12 -1.03 8.46
N LYS A 250 35.50 -0.77 9.61
CA LYS A 250 35.70 0.45 10.41
C LYS A 250 35.35 1.73 9.63
N LYS A 251 34.29 1.66 8.78
CA LYS A 251 33.80 2.79 7.97
C LYS A 251 32.26 2.93 8.01
N ASP A 252 31.77 4.18 8.11
CA ASP A 252 30.33 4.54 8.19
C ASP A 252 29.77 4.90 6.80
N ILE A 253 28.91 4.01 6.26
CA ILE A 253 28.33 4.18 4.94
C ILE A 253 27.13 5.13 4.90
N SER A 254 26.55 5.49 6.08
CA SER A 254 25.35 6.32 6.18
C SER A 254 25.48 7.77 5.64
N GLN A 255 26.68 8.31 5.48
CA GLN A 255 26.73 9.67 4.96
C GLN A 255 27.02 9.73 3.43
N ASN A 256 26.85 8.58 2.73
CA ASN A 256 26.92 8.49 1.27
C ASN A 256 25.51 8.08 0.81
N LYS A 257 24.88 8.96 0.02
CA LYS A 257 23.52 8.75 -0.49
C LYS A 257 23.39 7.51 -1.35
N ARG A 258 24.29 7.32 -2.34
CA ARG A 258 24.26 6.13 -3.21
C ARG A 258 24.56 4.80 -2.45
N ALA A 259 25.47 4.82 -1.46
CA ALA A 259 25.81 3.62 -0.66
C ALA A 259 24.61 3.11 0.14
N VAL A 260 23.77 4.05 0.66
CA VAL A 260 22.55 3.82 1.44
C VAL A 260 21.38 3.38 0.53
N ARG A 261 21.26 4.01 -0.63
CA ARG A 261 20.26 3.66 -1.63
C ARG A 261 20.48 2.19 -2.12
N ARG A 262 21.75 1.83 -2.40
CA ARG A 262 22.14 0.49 -2.88
C ARG A 262 21.97 -0.59 -1.81
N LEU A 263 22.29 -0.26 -0.55
CA LEU A 263 22.08 -1.18 0.57
C LEU A 263 20.57 -1.43 0.78
N ARG A 264 19.70 -0.40 0.58
CA ARG A 264 18.24 -0.50 0.73
C ARG A 264 17.62 -1.49 -0.26
N THR A 265 17.95 -1.39 -1.57
CA THR A 265 17.52 -2.27 -2.65
C THR A 265 17.81 -3.74 -2.27
N ALA A 266 19.08 -4.03 -1.92
CA ALA A 266 19.59 -5.35 -1.50
C ALA A 266 18.79 -5.94 -0.33
N CYS A 267 18.45 -5.09 0.67
CA CYS A 267 17.69 -5.40 1.89
C CYS A 267 16.25 -5.73 1.63
N GLU A 268 15.64 -5.06 0.67
CA GLU A 268 14.25 -5.28 0.34
C GLU A 268 14.11 -6.67 -0.24
N ARG A 269 15.00 -7.00 -1.19
CA ARG A 269 14.98 -8.31 -1.83
C ARG A 269 15.33 -9.44 -0.87
N ALA A 270 16.28 -9.19 0.02
CA ALA A 270 16.67 -10.18 1.00
C ALA A 270 15.49 -10.56 1.90
N LYS A 271 14.87 -9.56 2.51
CA LYS A 271 13.70 -9.78 3.34
C LYS A 271 12.68 -10.61 2.58
N ARG A 272 12.64 -10.40 1.28
CA ARG A 272 11.66 -11.03 0.42
C ARG A 272 11.98 -12.51 0.20
N THR A 273 13.27 -12.81 0.13
CA THR A 273 13.73 -14.18 -0.02
C THR A 273 13.43 -14.98 1.23
N LEU A 274 13.46 -14.29 2.37
CA LEU A 274 13.30 -14.91 3.67
C LEU A 274 11.86 -15.35 3.99
N SER A 275 10.93 -15.01 3.11
CA SER A 275 9.54 -15.44 3.27
C SER A 275 9.37 -16.87 2.80
N SER A 276 10.26 -17.30 1.91
CA SER A 276 10.28 -18.67 1.43
C SER A 276 11.59 -19.40 1.76
N SER A 277 12.53 -18.70 2.38
CA SER A 277 13.85 -19.27 2.68
C SER A 277 14.34 -18.96 4.10
N THR A 278 15.15 -19.84 4.65
CA THR A 278 15.70 -19.69 5.99
C THR A 278 16.98 -18.85 6.03
N GLN A 279 17.53 -18.58 4.86
CA GLN A 279 18.76 -17.80 4.69
C GLN A 279 18.71 -17.05 3.37
N ALA A 280 19.22 -15.81 3.40
CA ALA A 280 19.37 -14.91 2.26
C ALA A 280 20.78 -14.37 2.30
N SER A 281 21.34 -14.07 1.12
CA SER A 281 22.69 -13.54 1.00
C SER A 281 22.68 -12.18 0.28
N LEU A 282 23.52 -11.24 0.78
CA LEU A 282 23.69 -9.91 0.22
C LEU A 282 25.04 -9.78 -0.45
N GLU A 283 25.04 -9.44 -1.74
CA GLU A 283 26.28 -9.30 -2.49
C GLU A 283 26.34 -8.01 -3.29
N ILE A 284 26.98 -6.98 -2.70
CA ILE A 284 27.14 -5.65 -3.32
C ILE A 284 28.61 -5.37 -3.64
N ASP A 285 28.91 -5.13 -4.92
CA ASP A 285 30.24 -4.80 -5.41
C ASP A 285 30.50 -3.32 -5.15
N SER A 286 31.70 -2.97 -4.62
CA SER A 286 32.13 -1.61 -4.32
C SER A 286 31.06 -0.78 -3.58
N LEU A 287 30.57 -1.31 -2.45
CA LEU A 287 29.51 -0.63 -1.70
C LEU A 287 29.97 0.75 -1.21
N PHE A 288 31.11 0.78 -0.50
CA PHE A 288 31.70 2.01 0.05
C PHE A 288 33.20 1.81 0.19
N GLU A 289 34.00 2.88 -0.06
CA GLU A 289 35.49 2.88 0.01
C GLU A 289 36.18 1.75 -0.82
N GLY A 290 35.51 1.30 -1.88
CA GLY A 290 35.96 0.25 -2.80
C GLY A 290 35.73 -1.16 -2.29
N ILE A 291 35.11 -1.27 -1.10
CA ILE A 291 34.87 -2.55 -0.43
C ILE A 291 33.64 -3.27 -0.95
N ASP A 292 33.80 -4.56 -1.23
CA ASP A 292 32.71 -5.43 -1.63
C ASP A 292 32.04 -5.93 -0.35
N PHE A 293 30.71 -5.83 -0.28
CA PHE A 293 29.96 -6.30 0.89
C PHE A 293 29.25 -7.58 0.53
N TYR A 294 29.90 -8.72 0.84
CA TYR A 294 29.45 -10.08 0.57
C TYR A 294 29.15 -10.70 1.92
N THR A 295 27.85 -10.77 2.24
CA THR A 295 27.41 -11.22 3.55
C THR A 295 26.13 -12.06 3.47
N SER A 296 25.54 -12.38 4.65
CA SER A 296 24.32 -13.19 4.79
C SER A 296 23.53 -12.89 6.07
N ILE A 297 22.22 -13.16 6.02
CA ILE A 297 21.29 -13.08 7.15
C ILE A 297 20.39 -14.33 7.13
N THR A 298 19.94 -14.76 8.32
CA THR A 298 19.04 -15.90 8.50
C THR A 298 17.64 -15.34 8.78
N ARG A 299 16.58 -16.15 8.55
CA ARG A 299 15.18 -15.78 8.83
C ARG A 299 15.06 -15.49 10.34
N ALA A 300 15.79 -16.27 11.18
CA ALA A 300 15.81 -16.13 12.62
C ALA A 300 16.37 -14.78 13.09
N ARG A 301 17.57 -14.37 12.59
CA ARG A 301 18.17 -13.06 12.93
C ARG A 301 17.29 -11.92 12.40
N PHE A 302 16.59 -12.14 11.25
CA PHE A 302 15.65 -11.15 10.71
C PHE A 302 14.44 -10.96 11.67
N GLU A 303 13.85 -12.08 12.17
CA GLU A 303 12.71 -12.10 13.12
C GLU A 303 13.09 -11.39 14.44
N GLU A 304 14.36 -11.55 14.89
CA GLU A 304 14.95 -10.92 16.08
C GLU A 304 14.98 -9.38 15.92
N LEU A 305 15.51 -8.88 14.78
CA LEU A 305 15.63 -7.43 14.51
C LEU A 305 14.30 -6.69 14.40
N CYS A 306 13.22 -7.42 14.02
CA CYS A 306 11.88 -6.87 13.83
C CYS A 306 10.87 -7.36 14.87
N SER A 307 11.27 -8.19 15.87
CA SER A 307 10.39 -8.80 16.89
C SER A 307 9.34 -7.85 17.51
N ASP A 308 9.76 -6.65 17.93
CA ASP A 308 8.85 -5.64 18.50
C ASP A 308 7.77 -5.20 17.48
N LEU A 309 8.17 -5.02 16.20
CA LEU A 309 7.28 -4.61 15.09
C LEU A 309 6.24 -5.70 14.77
N PHE A 310 6.65 -6.98 14.70
CA PHE A 310 5.76 -8.10 14.40
C PHE A 310 4.77 -8.33 15.56
N ARG A 311 5.27 -8.22 16.82
CA ARG A 311 4.44 -8.36 18.02
C ARG A 311 3.44 -7.21 18.21
N SER A 312 3.80 -5.97 17.81
CA SER A 312 2.89 -4.82 17.93
C SER A 312 1.64 -4.92 17.07
N THR A 313 1.66 -5.76 16.00
CA THR A 313 0.50 -5.97 15.11
C THR A 313 -0.66 -6.67 15.81
N LEU A 314 -0.42 -7.23 17.01
CA LEU A 314 -1.45 -7.91 17.79
C LEU A 314 -2.27 -6.93 18.64
N GLU A 315 -1.69 -5.78 19.02
CA GLU A 315 -2.38 -4.74 19.82
C GLU A 315 -3.62 -4.18 19.06
N PRO A 316 -3.50 -3.72 17.77
CA PRO A 316 -4.70 -3.25 17.04
C PRO A 316 -5.72 -4.35 16.78
N VAL A 317 -5.30 -5.64 16.81
CA VAL A 317 -6.21 -6.80 16.68
C VAL A 317 -7.06 -6.88 17.97
N GLU A 318 -6.40 -6.69 19.14
CA GLU A 318 -7.05 -6.68 20.46
C GLU A 318 -7.97 -5.46 20.63
N LYS A 319 -7.51 -4.26 20.19
CA LYS A 319 -8.30 -3.02 20.26
C LYS A 319 -9.55 -3.14 19.41
N ALA A 320 -9.42 -3.69 18.17
CA ALA A 320 -10.54 -3.88 17.25
C ALA A 320 -11.60 -4.83 17.81
N LEU A 321 -11.18 -5.96 18.44
CA LEU A 321 -12.09 -6.93 19.08
C LEU A 321 -12.85 -6.30 20.25
N ARG A 322 -12.14 -5.53 21.11
CA ARG A 322 -12.69 -4.83 22.27
C ARG A 322 -13.64 -3.67 21.88
N ASP A 323 -13.39 -2.99 20.76
CA ASP A 323 -14.25 -1.91 20.25
C ASP A 323 -15.51 -2.52 19.65
N ALA A 324 -15.37 -3.59 18.83
CA ALA A 324 -16.48 -4.30 18.18
C ALA A 324 -17.29 -5.12 19.18
N LYS A 325 -16.82 -5.19 20.46
CA LYS A 325 -17.42 -5.92 21.58
C LYS A 325 -17.60 -7.42 21.22
N LEU A 326 -16.51 -8.01 20.72
CA LEU A 326 -16.47 -9.41 20.30
C LEU A 326 -15.29 -10.13 20.94
N ASP A 327 -15.41 -11.46 21.04
CA ASP A 327 -14.40 -12.36 21.55
C ASP A 327 -13.75 -12.95 20.30
N LYS A 328 -12.49 -13.41 20.40
CA LYS A 328 -11.76 -14.00 19.26
C LYS A 328 -12.50 -15.21 18.62
N ALA A 329 -13.18 -16.03 19.44
CA ALA A 329 -13.94 -17.20 18.99
C ALA A 329 -15.18 -16.80 18.17
N GLN A 330 -15.59 -15.51 18.28
CA GLN A 330 -16.75 -14.94 17.60
C GLN A 330 -16.44 -14.57 16.15
N ILE A 331 -15.15 -14.39 15.79
CA ILE A 331 -14.76 -14.08 14.41
C ILE A 331 -14.89 -15.35 13.57
N HIS A 332 -15.70 -15.33 12.52
CA HIS A 332 -15.90 -16.48 11.64
C HIS A 332 -14.76 -16.64 10.61
N ASP A 333 -14.36 -15.53 9.95
CA ASP A 333 -13.32 -15.52 8.90
C ASP A 333 -12.15 -14.58 9.15
N LEU A 334 -10.95 -14.99 8.67
CA LEU A 334 -9.71 -14.20 8.78
C LEU A 334 -9.13 -14.00 7.39
N VAL A 335 -8.99 -12.74 6.93
CA VAL A 335 -8.46 -12.43 5.59
C VAL A 335 -7.10 -11.72 5.69
N LEU A 336 -6.09 -12.21 4.95
CA LEU A 336 -4.76 -11.59 4.87
C LEU A 336 -4.64 -10.76 3.59
N VAL A 337 -4.39 -9.43 3.74
CA VAL A 337 -4.24 -8.48 2.64
C VAL A 337 -2.99 -7.62 2.89
N GLY A 338 -2.27 -7.28 1.82
CA GLY A 338 -1.04 -6.52 1.92
C GLY A 338 0.15 -7.42 1.69
N GLY A 339 1.15 -6.91 0.97
CA GLY A 339 2.35 -7.67 0.59
C GLY A 339 3.23 -8.16 1.71
N SER A 340 3.24 -7.44 2.85
CA SER A 340 4.05 -7.78 4.02
C SER A 340 3.47 -8.98 4.80
N THR A 341 2.19 -9.34 4.56
CA THR A 341 1.54 -10.48 5.22
C THR A 341 2.15 -11.79 4.77
N ARG A 342 3.02 -11.74 3.73
CA ARG A 342 3.75 -12.90 3.22
C ARG A 342 4.80 -13.38 4.25
N ILE A 343 5.23 -12.52 5.23
CA ILE A 343 6.21 -12.83 6.28
C ILE A 343 5.66 -13.93 7.17
N PRO A 344 6.31 -15.13 7.17
CA PRO A 344 5.81 -16.28 7.96
C PRO A 344 5.54 -16.02 9.45
N LYS A 345 6.38 -15.18 10.11
CA LYS A 345 6.24 -14.81 11.51
C LYS A 345 4.96 -13.98 11.73
N VAL A 346 4.61 -13.12 10.75
CA VAL A 346 3.37 -12.32 10.80
C VAL A 346 2.13 -13.28 10.82
N GLN A 347 2.16 -14.34 9.98
CA GLN A 347 1.14 -15.38 9.84
C GLN A 347 1.04 -16.26 11.07
N LYS A 348 2.19 -16.67 11.65
CA LYS A 348 2.28 -17.50 12.86
C LYS A 348 1.63 -16.76 14.02
N LEU A 349 2.01 -15.47 14.22
CA LEU A 349 1.48 -14.60 15.29
C LEU A 349 -0.03 -14.40 15.23
N LEU A 350 -0.60 -14.20 14.01
CA LEU A 350 -2.04 -14.00 13.84
C LEU A 350 -2.82 -15.30 14.03
N GLN A 351 -2.28 -16.43 13.52
CA GLN A 351 -2.88 -17.76 13.64
C GLN A 351 -2.89 -18.24 15.10
N ASP A 352 -1.77 -18.06 15.83
CA ASP A 352 -1.65 -18.41 17.26
C ASP A 352 -2.63 -17.63 18.13
N PHE A 353 -2.75 -16.29 17.87
CA PHE A 353 -3.69 -15.40 18.57
C PHE A 353 -5.12 -15.93 18.37
N PHE A 354 -5.46 -16.29 17.11
CA PHE A 354 -6.74 -16.87 16.75
C PHE A 354 -6.79 -18.42 16.92
N ASN A 355 -5.92 -18.97 17.80
CA ASN A 355 -5.86 -20.39 18.22
C ASN A 355 -5.76 -21.43 17.08
N GLY A 356 -4.79 -21.28 16.20
CA GLY A 356 -4.50 -22.19 15.09
C GLY A 356 -5.48 -22.23 13.94
N ARG A 357 -6.41 -21.27 13.91
CA ARG A 357 -7.44 -21.18 12.88
C ARG A 357 -6.88 -20.77 11.49
N ASP A 358 -7.57 -21.21 10.42
CA ASP A 358 -7.19 -21.02 9.02
C ASP A 358 -7.39 -19.60 8.50
N LEU A 359 -6.36 -19.08 7.80
CA LEU A 359 -6.37 -17.74 7.21
C LEU A 359 -6.72 -17.85 5.74
N ASN A 360 -7.45 -16.85 5.22
CA ASN A 360 -7.82 -16.77 3.81
C ASN A 360 -6.72 -15.98 3.14
N LYS A 361 -5.85 -16.66 2.36
CA LYS A 361 -4.66 -16.04 1.77
C LYS A 361 -4.27 -16.52 0.35
N SER A 362 -5.08 -17.38 -0.28
CA SER A 362 -4.80 -17.90 -1.64
C SER A 362 -4.76 -16.80 -2.72
N ILE A 363 -5.55 -15.70 -2.57
CA ILE A 363 -5.57 -14.60 -3.54
C ILE A 363 -4.35 -13.71 -3.26
N ASN A 364 -3.53 -13.42 -4.30
CA ASN A 364 -2.35 -12.56 -4.20
C ASN A 364 -2.62 -11.32 -3.28
N PRO A 365 -1.95 -11.22 -2.10
CA PRO A 365 -2.26 -10.12 -1.13
C PRO A 365 -2.21 -8.67 -1.63
N ASP A 366 -1.48 -8.44 -2.73
CA ASP A 366 -1.30 -7.14 -3.35
C ASP A 366 -2.46 -6.83 -4.31
N GLU A 367 -3.19 -7.89 -4.76
CA GLU A 367 -4.25 -7.82 -5.77
C GLU A 367 -5.68 -8.06 -5.29
N ALA A 368 -5.86 -8.63 -4.07
CA ALA A 368 -7.17 -8.99 -3.47
C ALA A 368 -8.18 -7.81 -3.36
N VAL A 369 -7.70 -6.59 -3.05
CA VAL A 369 -8.57 -5.40 -2.92
C VAL A 369 -9.09 -4.96 -4.31
N ALA A 370 -8.20 -4.88 -5.33
CA ALA A 370 -8.61 -4.55 -6.69
C ALA A 370 -9.55 -5.64 -7.25
N TYR A 371 -9.25 -6.93 -6.95
CA TYR A 371 -10.02 -8.13 -7.29
C TYR A 371 -11.52 -7.97 -6.94
N GLY A 372 -11.81 -7.77 -5.65
CA GLY A 372 -13.17 -7.59 -5.14
C GLY A 372 -13.86 -6.36 -5.68
N ALA A 373 -13.11 -5.26 -5.83
CA ALA A 373 -13.56 -3.97 -6.40
C ALA A 373 -13.99 -4.15 -7.87
N ALA A 374 -13.30 -5.03 -8.64
CA ALA A 374 -13.69 -5.37 -10.02
C ALA A 374 -14.99 -6.15 -10.00
N VAL A 375 -15.12 -7.13 -9.06
CA VAL A 375 -16.31 -7.96 -8.85
C VAL A 375 -17.51 -7.03 -8.57
N GLN A 376 -17.34 -6.15 -7.54
CA GLN A 376 -18.34 -5.15 -7.11
C GLN A 376 -18.72 -4.21 -8.25
N ALA A 377 -17.74 -3.80 -9.08
CA ALA A 377 -17.95 -2.93 -10.24
C ALA A 377 -18.84 -3.58 -11.32
N ALA A 378 -18.85 -4.94 -11.38
CA ALA A 378 -19.63 -5.71 -12.36
C ALA A 378 -21.09 -5.97 -11.94
N ILE A 379 -21.40 -5.77 -10.63
CA ILE A 379 -22.75 -5.93 -10.09
C ILE A 379 -23.63 -4.79 -10.65
#